data_7P5L
#
_entry.id   7P5L
#
_cell.length_a   71.098
_cell.length_b   90.605
_cell.length_c   95.264
_cell.angle_alpha   90.000
_cell.angle_beta   90.000
_cell.angle_gamma   90.000
#
_symmetry.space_group_name_H-M   'P 21 21 21'
#
loop_
_entity.id
_entity.type
_entity.pdbx_description
1 polymer 'Glucosyl-3-phosphoglycerate synthase'
2 non-polymer '(2S)-2-hydroxybutanedioic acid'
3 non-polymer D-MALATE
4 water water
#
_entity_poly.entity_id   1
_entity_poly.type   'polypeptide(L)'
_entity_poly.pdbx_seq_one_letter_code
;MTLVPDLTATDLARHRWLTDNSWTRPTWTVAELEAAKAGRTISVVLPALNEEETVGGVVETIRPLLGGLVDELIVLDSGS
TDDTEIRAMAAGARVISREVALPEVAPQPGKGEVLWRSLAATTGDIIVFIDSDLIDPDPMFVPKLVGPLLLSEGVHLVKG
FYRRPLKTSGSEDAHGGGRVTELVARPLLAALRPELTCVLQPLGGEYAGTRELLMSVPFAPGYGVEIGLLVDTYDRLGLD
AIAQVNLGVRAHRNRPLTDLAAMSRQVIATLFSRCGVPDSGVGLTQFFADGDGFSPRTSEVSLVDRPPMNTLRGKLAAAL
EHHHHHH
;
_entity_poly.pdbx_strand_id   A,B
#
loop_
_chem_comp.id
_chem_comp.type
_chem_comp.name
_chem_comp.formula
LMR non-polymer '(2S)-2-hydroxybutanedioic acid' 'C4 H6 O5'
MLT non-polymer D-MALATE 'C4 H6 O5'
#
# COMPACT_ATOMS: atom_id res chain seq x y z
N PRO A 5 13.67 23.62 47.43
CA PRO A 5 14.39 23.44 46.16
C PRO A 5 13.84 24.33 45.05
N ASP A 6 14.64 25.28 44.57
CA ASP A 6 14.22 26.14 43.49
C ASP A 6 14.09 25.33 42.20
N LEU A 7 13.39 25.92 41.23
CA LEU A 7 13.24 25.29 39.93
C LEU A 7 14.59 25.17 39.22
N THR A 8 14.77 24.08 38.47
CA THR A 8 15.94 23.88 37.64
C THR A 8 15.67 24.34 36.20
N ALA A 9 16.72 24.35 35.39
CA ALA A 9 16.52 24.69 33.97
C ALA A 9 15.62 23.66 33.30
N THR A 10 15.73 22.40 33.71
CA THR A 10 14.83 21.36 33.19
CA THR A 10 14.83 21.36 33.19
C THR A 10 13.39 21.65 33.57
N ASP A 11 13.16 22.05 34.83
CA ASP A 11 11.82 22.34 35.28
C ASP A 11 11.21 23.48 34.46
N LEU A 12 11.97 24.56 34.26
CA LEU A 12 11.45 25.73 33.56
C LEU A 12 11.08 25.36 32.13
N ALA A 13 11.97 24.65 31.45
CA ALA A 13 11.67 24.22 30.09
C ALA A 13 10.44 23.32 30.07
N ARG A 14 10.32 22.39 31.03
CA ARG A 14 9.14 21.52 31.06
C ARG A 14 7.86 22.33 31.18
N HIS A 15 7.84 23.30 32.08
CA HIS A 15 6.61 24.06 32.31
C HIS A 15 6.15 24.73 31.03
N ARG A 16 7.07 25.39 30.33
CA ARG A 16 6.68 26.08 29.12
C ARG A 16 6.37 25.11 27.99
N TRP A 17 7.10 24.00 27.92
CA TRP A 17 6.81 22.99 26.91
C TRP A 17 5.42 22.42 27.09
N LEU A 18 5.01 22.15 28.33
CA LEU A 18 3.66 21.64 28.54
C LEU A 18 2.61 22.65 28.10
N THR A 19 2.84 23.94 28.40
CA THR A 19 1.91 25.00 28.01
CA THR A 19 1.82 24.90 28.02
C THR A 19 1.73 25.07 26.51
N ASP A 20 2.81 24.89 25.76
CA ASP A 20 2.81 25.12 24.32
C ASP A 20 2.60 23.86 23.50
N ASN A 21 3.10 22.72 23.99
CA ASN A 21 3.28 21.52 23.17
C ASN A 21 2.61 20.28 23.74
N SER A 22 1.82 20.39 24.81
CA SER A 22 1.09 19.26 25.36
C SER A 22 -0.39 19.59 25.44
N TRP A 23 -1.22 18.63 25.08
CA TRP A 23 -2.68 18.79 25.13
C TRP A 23 -3.31 17.67 25.94
N THR A 24 -3.89 18.01 27.08
CA THR A 24 -4.68 17.01 27.78
CA THR A 24 -4.71 17.08 27.85
C THR A 24 -6.09 16.88 27.23
N ARG A 25 -6.60 17.88 26.51
CA ARG A 25 -7.92 17.79 25.88
C ARG A 25 -7.73 18.16 24.40
N PRO A 26 -7.11 17.24 23.59
CA PRO A 26 -6.91 17.48 22.14
C PRO A 26 -8.20 17.29 21.36
N THR A 27 -9.12 18.27 21.48
CA THR A 27 -10.50 18.14 21.01
C THR A 27 -10.74 18.64 19.58
N TRP A 28 -9.71 18.74 18.74
CA TRP A 28 -9.90 19.19 17.37
C TRP A 28 -10.90 18.29 16.66
N THR A 29 -11.67 18.86 15.75
CA THR A 29 -12.62 18.06 14.99
C THR A 29 -11.96 17.43 13.77
N VAL A 30 -12.50 16.30 13.34
CA VAL A 30 -12.03 15.69 12.11
C VAL A 30 -12.17 16.67 10.94
N ALA A 31 -13.28 17.40 10.89
CA ALA A 31 -13.50 18.32 9.77
C ALA A 31 -12.44 19.41 9.75
N GLU A 32 -12.10 19.98 10.91
CA GLU A 32 -11.14 21.07 10.84
C GLU A 32 -9.74 20.54 10.52
N LEU A 33 -9.43 19.33 10.96
CA LEU A 33 -8.14 18.75 10.60
C LEU A 33 -8.05 18.47 9.11
N GLU A 34 -9.14 17.93 8.52
CA GLU A 34 -9.15 17.74 7.08
C GLU A 34 -8.92 19.06 6.35
N ALA A 35 -9.57 20.13 6.81
CA ALA A 35 -9.44 21.42 6.15
C ALA A 35 -8.04 21.99 6.27
N ALA A 36 -7.28 21.55 7.27
CA ALA A 36 -5.93 22.03 7.49
C ALA A 36 -4.88 21.25 6.72
N LYS A 37 -5.25 20.15 6.06
CA LYS A 37 -4.23 19.34 5.38
C LYS A 37 -3.48 20.14 4.34
N ALA A 38 -4.15 21.04 3.62
CA ALA A 38 -3.51 21.93 2.66
C ALA A 38 -2.61 21.15 1.70
N GLY A 39 -3.15 20.06 1.17
CA GLY A 39 -2.46 19.26 0.18
C GLY A 39 -1.58 18.17 0.74
N ARG A 40 -1.34 18.19 2.05
CA ARG A 40 -0.60 17.11 2.70
C ARG A 40 -1.48 15.88 2.80
N THR A 41 -0.85 14.70 2.70
CA THR A 41 -1.55 13.45 2.87
C THR A 41 -1.08 12.74 4.14
N ILE A 42 -1.92 11.84 4.63
CA ILE A 42 -1.70 11.16 5.91
C ILE A 42 -1.77 9.65 5.69
N SER A 43 -0.69 8.96 6.10
CA SER A 43 -0.65 7.52 6.10
C SER A 43 -0.70 7.02 7.54
N VAL A 44 -1.45 5.97 7.78
CA VAL A 44 -1.50 5.30 9.07
C VAL A 44 -0.94 3.89 8.90
N VAL A 45 0.01 3.53 9.76
CA VAL A 45 0.72 2.25 9.71
C VAL A 45 0.51 1.53 11.03
N LEU A 46 0.04 0.30 10.96
CA LEU A 46 -0.07 -0.60 12.11
C LEU A 46 0.98 -1.68 11.94
N PRO A 47 2.06 -1.68 12.72
CA PRO A 47 2.97 -2.83 12.68
C PRO A 47 2.29 -4.03 13.30
N ALA A 48 2.48 -5.22 12.72
CA ALA A 48 1.79 -6.39 13.26
C ALA A 48 2.62 -7.66 13.14
N LEU A 49 2.62 -8.44 14.22
CA LEU A 49 3.17 -9.80 14.24
C LEU A 49 2.30 -10.65 15.15
N ASN A 50 1.53 -11.55 14.55
CA ASN A 50 0.69 -12.49 15.29
C ASN A 50 -0.22 -11.79 16.30
N GLU A 51 -1.02 -10.87 15.76
CA GLU A 51 -1.98 -10.08 16.54
C GLU A 51 -3.41 -10.34 16.09
N GLU A 52 -3.76 -11.60 15.80
CA GLU A 52 -5.02 -11.86 15.13
C GLU A 52 -6.22 -11.46 15.98
N GLU A 53 -6.09 -11.44 17.31
CA GLU A 53 -7.24 -11.15 18.15
C GLU A 53 -7.60 -9.68 18.16
N THR A 54 -6.65 -8.79 17.83
CA THR A 54 -6.85 -7.36 18.00
C THR A 54 -6.69 -6.53 16.72
N VAL A 55 -5.97 -7.01 15.72
CA VAL A 55 -5.62 -6.13 14.60
C VAL A 55 -6.88 -5.60 13.93
N GLY A 56 -7.88 -6.45 13.71
CA GLY A 56 -9.07 -6.00 13.01
C GLY A 56 -9.80 -4.92 13.78
N GLY A 57 -9.88 -5.05 15.10
CA GLY A 57 -10.51 -4.01 15.91
C GLY A 57 -9.80 -2.68 15.82
N VAL A 58 -8.47 -2.69 15.74
CA VAL A 58 -7.77 -1.43 15.56
C VAL A 58 -8.09 -0.83 14.19
N VAL A 59 -7.99 -1.64 13.15
CA VAL A 59 -8.30 -1.19 11.80
C VAL A 59 -9.70 -0.58 11.74
N GLU A 60 -10.67 -1.26 12.36
CA GLU A 60 -12.06 -0.81 12.31
C GLU A 60 -12.23 0.60 12.88
N THR A 61 -11.42 0.96 13.90
CA THR A 61 -11.56 2.29 14.48
C THR A 61 -11.01 3.39 13.59
N ILE A 62 -10.14 3.06 12.64
CA ILE A 62 -9.47 4.04 11.80
C ILE A 62 -10.16 4.13 10.43
N ARG A 63 -10.72 3.02 9.98
CA ARG A 63 -11.33 2.94 8.65
C ARG A 63 -12.31 4.06 8.35
N PRO A 64 -13.12 4.56 9.28
CA PRO A 64 -14.05 5.64 8.92
C PRO A 64 -13.36 6.91 8.45
N LEU A 65 -12.08 7.11 8.78
CA LEU A 65 -11.33 8.27 8.33
C LEU A 65 -10.77 8.10 6.93
N LEU A 66 -10.76 6.88 6.43
CA LEU A 66 -10.16 6.60 5.14
C LEU A 66 -10.95 7.31 4.06
N GLY A 67 -10.25 8.01 3.19
CA GLY A 67 -10.88 8.82 2.17
C GLY A 67 -11.24 10.22 2.60
N GLY A 68 -11.01 10.55 3.86
CA GLY A 68 -11.14 11.91 4.35
C GLY A 68 -9.84 12.34 4.99
N LEU A 69 -9.79 12.30 6.31
CA LEU A 69 -8.56 12.69 7.01
C LEU A 69 -7.40 11.78 6.65
N VAL A 70 -7.64 10.48 6.55
CA VAL A 70 -6.58 9.48 6.32
C VAL A 70 -6.58 9.07 4.86
N ASP A 71 -5.40 9.09 4.24
CA ASP A 71 -5.26 8.74 2.84
C ASP A 71 -4.92 7.28 2.62
N GLU A 72 -4.23 6.64 3.55
CA GLU A 72 -3.98 5.21 3.44
C GLU A 72 -3.84 4.62 4.82
N LEU A 73 -4.29 3.36 4.93
CA LEU A 73 -4.32 2.60 6.17
C LEU A 73 -3.68 1.26 5.86
N ILE A 74 -2.45 1.07 6.37
CA ILE A 74 -1.62 -0.07 6.04
C ILE A 74 -1.30 -0.85 7.30
N VAL A 75 -1.46 -2.17 7.22
CA VAL A 75 -0.91 -3.09 8.20
C VAL A 75 0.38 -3.65 7.63
N LEU A 76 1.48 -3.35 8.31
CA LEU A 76 2.81 -3.79 7.89
C LEU A 76 3.08 -5.09 8.64
N ASP A 77 2.88 -6.20 7.98
CA ASP A 77 2.97 -7.49 8.66
C ASP A 77 4.43 -7.95 8.69
N SER A 78 4.81 -8.56 9.80
CA SER A 78 6.18 -8.94 10.08
C SER A 78 6.43 -10.43 9.96
N GLY A 79 5.52 -11.17 9.32
CA GLY A 79 5.67 -12.60 9.13
C GLY A 79 4.77 -13.43 10.01
N SER A 80 3.54 -12.98 10.19
CA SER A 80 2.59 -13.69 11.05
C SER A 80 2.28 -15.08 10.52
N THR A 81 2.02 -15.99 11.45
CA THR A 81 1.56 -17.32 11.11
C THR A 81 0.13 -17.58 11.57
N ASP A 82 -0.48 -16.63 12.27
CA ASP A 82 -1.88 -16.69 12.64
C ASP A 82 -2.71 -16.01 11.55
N ASP A 83 -3.93 -15.57 11.87
CA ASP A 83 -4.80 -14.95 10.89
C ASP A 83 -4.71 -13.41 10.86
N THR A 84 -3.60 -12.84 11.33
CA THR A 84 -3.45 -11.39 11.36
C THR A 84 -3.72 -10.78 9.99
N GLU A 85 -3.10 -11.30 8.94
CA GLU A 85 -3.17 -10.65 7.64
C GLU A 85 -4.59 -10.65 7.08
N ILE A 86 -5.26 -11.81 7.10
CA ILE A 86 -6.58 -11.87 6.51
C ILE A 86 -7.60 -11.10 7.34
N ARG A 87 -7.45 -11.07 8.66
CA ARG A 87 -8.35 -10.26 9.47
C ARG A 87 -8.16 -8.76 9.19
N ALA A 88 -6.91 -8.33 8.98
CA ALA A 88 -6.66 -6.94 8.60
C ALA A 88 -7.27 -6.63 7.24
N MET A 89 -7.19 -7.57 6.29
CA MET A 89 -7.81 -7.38 4.98
C MET A 89 -9.32 -7.20 5.13
N ALA A 90 -9.99 -8.13 5.82
CA ALA A 90 -11.44 -8.05 5.91
C ALA A 90 -11.88 -6.78 6.63
N ALA A 91 -11.08 -6.30 7.58
CA ALA A 91 -11.42 -5.09 8.34
C ALA A 91 -11.21 -3.81 7.55
N GLY A 92 -10.56 -3.88 6.39
CA GLY A 92 -10.46 -2.75 5.51
C GLY A 92 -9.10 -2.09 5.39
N ALA A 93 -8.01 -2.78 5.72
CA ALA A 93 -6.67 -2.26 5.57
C ALA A 93 -5.97 -2.83 4.34
N ARG A 94 -4.86 -2.19 3.97
CA ARG A 94 -3.91 -2.69 2.98
C ARG A 94 -2.78 -3.41 3.70
N VAL A 95 -2.64 -4.70 3.46
CA VAL A 95 -1.61 -5.51 4.10
C VAL A 95 -0.40 -5.55 3.20
N ILE A 96 0.75 -5.15 3.74
CA ILE A 96 2.01 -5.15 3.02
C ILE A 96 3.06 -5.84 3.88
N SER A 97 3.77 -6.80 3.29
CA SER A 97 4.83 -7.51 4.00
C SER A 97 6.11 -6.67 4.06
N ARG A 98 7.02 -7.08 4.95
CA ARG A 98 8.32 -6.43 5.00
C ARG A 98 9.03 -6.52 3.65
N GLU A 99 8.91 -7.67 2.98
CA GLU A 99 9.64 -7.91 1.76
C GLU A 99 9.13 -7.06 0.61
N VAL A 100 7.80 -6.90 0.53
CA VAL A 100 7.23 -6.04 -0.49
C VAL A 100 7.49 -4.56 -0.18
N ALA A 101 7.49 -4.19 1.10
CA ALA A 101 7.74 -2.80 1.46
C ALA A 101 9.12 -2.32 0.99
N LEU A 102 10.13 -3.17 1.10
CA LEU A 102 11.51 -2.78 0.80
C LEU A 102 12.25 -4.01 0.26
N PRO A 103 12.07 -4.31 -1.02
CA PRO A 103 12.59 -5.58 -1.55
C PRO A 103 14.10 -5.67 -1.53
N GLU A 104 14.82 -4.55 -1.58
CA GLU A 104 16.26 -4.57 -1.79
C GLU A 104 17.07 -4.84 -0.52
N VAL A 105 16.43 -4.95 0.64
CA VAL A 105 17.12 -5.19 1.91
C VAL A 105 16.47 -6.40 2.57
N ALA A 106 17.29 -7.37 2.97
CA ALA A 106 16.77 -8.53 3.70
C ALA A 106 16.23 -8.10 5.06
N PRO A 107 15.08 -8.62 5.47
CA PRO A 107 14.55 -8.25 6.79
C PRO A 107 15.40 -8.77 7.94
N GLN A 108 15.33 -8.07 9.05
CA GLN A 108 15.77 -8.57 10.34
C GLN A 108 14.61 -8.42 11.32
N PRO A 109 14.63 -9.16 12.43
CA PRO A 109 13.47 -9.16 13.34
C PRO A 109 13.28 -7.82 14.04
N GLY A 110 12.05 -7.62 14.50
CA GLY A 110 11.74 -6.58 15.46
C GLY A 110 10.83 -5.48 14.90
N LYS A 111 10.20 -4.76 15.82
N LYS A 111 10.20 -4.72 15.81
N LYS A 111 10.24 -4.73 15.82
CA LYS A 111 9.27 -3.70 15.44
CA LYS A 111 9.24 -3.72 15.37
CA LYS A 111 9.28 -3.71 15.46
C LYS A 111 9.97 -2.60 14.66
C LYS A 111 9.90 -2.50 14.74
C LYS A 111 9.93 -2.55 14.71
N GLY A 112 11.13 -2.14 15.13
CA GLY A 112 11.77 -1.02 14.49
C GLY A 112 11.96 -1.25 13.00
N GLU A 113 12.30 -2.48 12.64
CA GLU A 113 12.46 -2.85 11.23
C GLU A 113 11.19 -2.57 10.47
N VAL A 114 10.06 -2.96 11.06
CA VAL A 114 8.77 -2.82 10.39
C VAL A 114 8.42 -1.36 10.17
N LEU A 115 8.61 -0.53 11.18
CA LEU A 115 8.29 0.88 11.03
C LEU A 115 9.20 1.56 10.00
N TRP A 116 10.49 1.23 10.03
CA TRP A 116 11.41 1.77 9.04
C TRP A 116 10.97 1.39 7.63
N ARG A 117 10.71 0.10 7.41
CA ARG A 117 10.27 -0.33 6.09
C ARG A 117 8.98 0.36 5.65
N SER A 118 8.08 0.65 6.60
CA SER A 118 6.83 1.30 6.25
C SER A 118 7.05 2.66 5.60
N LEU A 119 8.18 3.31 5.86
CA LEU A 119 8.46 4.58 5.20
C LEU A 119 8.64 4.41 3.70
N ALA A 120 9.09 3.25 3.24
CA ALA A 120 9.23 2.99 1.82
C ALA A 120 7.91 2.56 1.19
N ALA A 121 6.96 2.05 1.99
CA ALA A 121 5.68 1.58 1.49
C ALA A 121 4.57 2.61 1.53
N THR A 122 4.77 3.73 2.20
CA THR A 122 3.76 4.76 2.37
C THR A 122 4.14 5.97 1.53
N THR A 123 3.15 6.82 1.28
CA THR A 123 3.36 8.05 0.56
C THR A 123 2.96 9.30 1.33
N GLY A 124 2.39 9.17 2.51
CA GLY A 124 1.89 10.33 3.23
C GLY A 124 2.99 11.28 3.66
N ASP A 125 2.68 12.59 3.62
CA ASP A 125 3.56 13.60 4.20
C ASP A 125 3.62 13.51 5.72
N ILE A 126 2.61 12.90 6.31
CA ILE A 126 2.57 12.60 7.73
C ILE A 126 2.33 11.11 7.84
N ILE A 127 3.08 10.44 8.72
CA ILE A 127 2.93 9.02 8.99
C ILE A 127 2.57 8.86 10.47
N VAL A 128 1.50 8.11 10.71
CA VAL A 128 0.99 7.81 12.05
C VAL A 128 1.19 6.34 12.32
N PHE A 129 1.78 6.04 13.47
CA PHE A 129 1.97 4.66 13.92
C PHE A 129 1.03 4.38 15.08
N ILE A 130 0.35 3.23 15.02
CA ILE A 130 -0.60 2.75 16.04
CA ILE A 130 -0.54 2.77 16.07
C ILE A 130 -0.31 1.27 16.26
N ASP A 131 -0.13 0.85 17.51
CA ASP A 131 0.10 -0.56 17.77
C ASP A 131 -1.14 -1.39 17.42
N SER A 132 -0.89 -2.62 16.95
CA SER A 132 -1.93 -3.54 16.52
CA SER A 132 -1.96 -3.50 16.53
C SER A 132 -2.47 -4.43 17.64
N ASP A 133 -1.86 -4.36 18.83
CA ASP A 133 -2.24 -5.17 19.97
C ASP A 133 -3.16 -4.43 20.93
N LEU A 134 -3.64 -3.25 20.55
CA LEU A 134 -4.47 -2.47 21.45
C LEU A 134 -5.84 -3.11 21.58
N ILE A 135 -6.29 -3.26 22.82
CA ILE A 135 -7.57 -3.90 23.08
C ILE A 135 -8.72 -2.91 22.97
N ASP A 136 -8.51 -1.67 23.43
N ASP A 136 -8.54 -1.66 23.36
CA ASP A 136 -9.52 -0.62 23.43
CA ASP A 136 -9.72 -0.80 23.41
C ASP A 136 -9.04 0.54 22.56
C ASP A 136 -9.71 0.38 22.45
N PRO A 137 -9.03 0.37 21.23
N PRO A 137 -9.06 0.27 21.28
CA PRO A 137 -8.68 1.49 20.37
CA PRO A 137 -8.69 1.49 20.54
C PRO A 137 -9.85 2.45 20.24
C PRO A 137 -9.87 2.44 20.38
N ASP A 138 -9.57 3.74 20.36
CA ASP A 138 -10.59 4.76 20.22
CA ASP A 138 -10.56 4.80 20.24
C ASP A 138 -10.48 5.43 18.86
N PRO A 139 -11.62 5.72 18.20
CA PRO A 139 -11.57 6.30 16.85
C PRO A 139 -10.90 7.65 16.75
N MET A 140 -10.76 8.39 17.85
CA MET A 140 -10.11 9.70 17.77
C MET A 140 -8.59 9.67 17.96
N PHE A 141 -7.96 8.48 18.02
CA PHE A 141 -6.49 8.45 18.15
C PHE A 141 -5.81 9.21 17.01
N VAL A 142 -6.12 8.87 15.77
CA VAL A 142 -5.43 9.49 14.65
C VAL A 142 -5.65 10.99 14.60
N PRO A 143 -6.88 11.50 14.72
CA PRO A 143 -7.07 12.96 14.77
C PRO A 143 -6.22 13.64 15.84
N LYS A 144 -6.20 13.07 17.04
CA LYS A 144 -5.44 13.69 18.11
C LYS A 144 -3.94 13.71 17.83
N LEU A 145 -3.43 12.63 17.24
CA LEU A 145 -2.00 12.55 16.95
C LEU A 145 -1.57 13.52 15.85
N VAL A 146 -2.42 13.75 14.85
CA VAL A 146 -2.04 14.62 13.74
C VAL A 146 -2.32 16.10 14.00
N GLY A 147 -3.13 16.43 15.00
CA GLY A 147 -3.51 17.80 15.25
C GLY A 147 -2.32 18.74 15.30
N PRO A 148 -1.33 18.47 16.16
CA PRO A 148 -0.20 19.42 16.26
C PRO A 148 0.60 19.48 14.98
N LEU A 149 0.68 18.39 14.23
CA LEU A 149 1.40 18.44 12.95
C LEU A 149 0.68 19.34 11.95
N LEU A 150 -0.65 19.35 11.96
CA LEU A 150 -1.42 20.11 10.98
C LEU A 150 -1.61 21.54 11.39
N LEU A 151 -1.63 21.81 12.70
CA LEU A 151 -2.01 23.12 13.20
C LEU A 151 -0.88 23.88 13.91
N SER A 152 0.20 23.22 14.34
N SER A 152 0.05 23.19 14.52
CA SER A 152 1.21 23.86 15.19
CA SER A 152 1.16 23.92 15.09
C SER A 152 2.56 23.97 14.49
C SER A 152 2.16 24.22 13.99
N GLU A 153 3.02 25.19 14.26
CA GLU A 153 4.22 25.40 13.48
C GLU A 153 5.38 24.77 14.22
N GLY A 154 6.25 24.12 13.46
CA GLY A 154 7.50 23.64 13.99
C GLY A 154 7.46 22.27 14.62
N VAL A 155 6.30 21.63 14.72
CA VAL A 155 6.20 20.33 15.34
C VAL A 155 6.38 19.26 14.28
N HIS A 156 7.23 18.28 14.58
CA HIS A 156 7.51 17.16 13.68
C HIS A 156 7.20 15.80 14.26
N LEU A 157 7.03 15.68 15.58
CA LEU A 157 6.82 14.40 16.25
C LEU A 157 5.80 14.60 17.35
N VAL A 158 4.72 13.81 17.33
CA VAL A 158 3.65 13.89 18.32
C VAL A 158 3.53 12.55 19.01
N LYS A 159 3.68 12.54 20.32
CA LYS A 159 3.58 11.34 21.15
C LYS A 159 2.23 11.26 21.83
N GLY A 160 1.51 10.16 21.63
CA GLY A 160 0.23 9.96 22.28
C GLY A 160 0.42 9.28 23.63
N PHE A 161 -0.15 9.88 24.68
CA PHE A 161 -0.07 9.31 26.01
C PHE A 161 -1.47 8.99 26.51
N TYR A 162 -1.54 8.11 27.51
CA TYR A 162 -2.81 7.71 28.13
C TYR A 162 -2.86 8.17 29.57
N ARG A 163 -4.01 8.63 30.01
CA ARG A 163 -4.26 8.73 31.43
C ARG A 163 -4.56 7.34 31.97
N ARG A 164 -4.30 7.15 33.24
CA ARG A 164 -4.45 5.81 33.81
C ARG A 164 -5.63 5.77 34.78
N PRO A 165 -6.34 4.64 34.87
CA PRO A 165 -7.49 4.59 35.78
C PRO A 165 -7.07 4.89 37.21
N LEU A 166 -8.01 5.42 37.98
CA LEU A 166 -7.74 5.80 39.36
C LEU A 166 -7.97 4.60 40.28
N GLY A 176 0.89 8.29 33.79
CA GLY A 176 2.25 7.97 33.42
C GLY A 176 2.44 6.52 32.99
N GLY A 177 3.71 6.08 32.92
CA GLY A 177 4.05 4.85 32.23
C GLY A 177 4.17 3.63 33.14
N GLY A 178 4.49 2.51 32.50
CA GLY A 178 4.72 1.26 33.21
C GLY A 178 6.12 1.20 33.80
N ARG A 179 6.52 -0.02 34.16
CA ARG A 179 7.76 -0.18 34.91
C ARG A 179 8.99 0.13 34.07
N VAL A 180 9.01 -0.25 32.79
CA VAL A 180 10.18 0.10 31.99
C VAL A 180 10.23 1.61 31.80
N THR A 181 9.08 2.25 31.59
CA THR A 181 9.06 3.68 31.44
C THR A 181 9.57 4.38 32.69
N GLU A 182 9.06 3.98 33.85
CA GLU A 182 9.34 4.75 35.05
C GLU A 182 10.66 4.37 35.71
N LEU A 183 11.12 3.13 35.53
CA LEU A 183 12.38 2.71 36.14
C LEU A 183 13.57 2.82 35.20
N VAL A 184 13.35 2.74 33.89
CA VAL A 184 14.44 2.68 32.93
C VAL A 184 14.48 3.91 32.06
N ALA A 185 13.43 4.13 31.26
CA ALA A 185 13.50 5.20 30.27
C ALA A 185 13.57 6.58 30.91
N ARG A 186 12.64 6.90 31.82
CA ARG A 186 12.62 8.26 32.37
CA ARG A 186 12.63 8.26 32.34
C ARG A 186 13.86 8.54 33.21
N PRO A 187 14.33 7.61 34.05
CA PRO A 187 15.56 7.91 34.81
C PRO A 187 16.78 8.04 33.92
N LEU A 188 16.91 7.23 32.87
CA LEU A 188 18.04 7.40 31.97
C LEU A 188 17.95 8.71 31.21
N LEU A 189 16.75 9.10 30.76
CA LEU A 189 16.64 10.42 30.13
C LEU A 189 16.98 11.52 31.13
N ALA A 190 16.58 11.38 32.39
CA ALA A 190 16.95 12.40 33.36
C ALA A 190 18.46 12.57 33.40
N ALA A 191 19.21 11.47 33.38
CA ALA A 191 20.66 11.52 33.40
C ALA A 191 21.26 12.09 32.11
N LEU A 192 20.74 11.68 30.95
CA LEU A 192 21.41 11.87 29.67
C LEU A 192 20.81 12.96 28.81
N ARG A 193 19.51 13.16 28.89
CA ARG A 193 18.78 14.14 28.07
C ARG A 193 17.64 14.70 28.92
N PRO A 194 17.95 15.42 30.00
CA PRO A 194 16.88 15.71 30.98
C PRO A 194 15.71 16.51 30.45
N GLU A 195 15.89 17.35 29.43
CA GLU A 195 14.70 18.03 28.90
C GLU A 195 13.63 17.05 28.48
N LEU A 196 14.00 15.87 28.00
CA LEU A 196 13.03 14.92 27.48
C LEU A 196 12.24 14.22 28.57
N THR A 197 12.55 14.44 29.85
CA THR A 197 11.71 13.88 30.90
C THR A 197 10.34 14.55 30.91
N CYS A 198 10.14 15.63 30.14
CA CYS A 198 8.81 16.24 29.98
C CYS A 198 7.83 15.32 29.26
N VAL A 199 8.33 14.37 28.48
CA VAL A 199 7.46 13.48 27.70
C VAL A 199 6.93 12.39 28.62
N LEU A 200 5.61 12.31 28.76
CA LEU A 200 5.03 11.45 29.76
C LEU A 200 5.29 9.97 29.46
N GLN A 201 5.13 9.56 28.22
CA GLN A 201 5.20 8.15 27.83
C GLN A 201 6.13 7.99 26.63
N PRO A 202 7.43 8.11 26.87
CA PRO A 202 8.39 8.08 25.75
C PRO A 202 8.40 6.78 24.97
N LEU A 203 8.02 5.68 25.59
CA LEU A 203 8.03 4.38 24.93
C LEU A 203 6.73 4.07 24.20
N GLY A 204 5.77 5.00 24.20
CA GLY A 204 4.46 4.71 23.63
C GLY A 204 4.53 4.39 22.15
N GLY A 205 3.65 3.48 21.71
CA GLY A 205 3.58 3.06 20.33
C GLY A 205 2.66 3.85 19.45
N GLU A 206 1.94 4.83 19.99
CA GLU A 206 1.03 5.67 19.22
C GLU A 206 1.69 7.02 19.07
N TYR A 207 2.11 7.35 17.87
CA TYR A 207 2.78 8.63 17.61
C TYR A 207 2.73 8.91 16.13
N ALA A 208 2.97 10.15 15.77
CA ALA A 208 2.95 10.59 14.38
C ALA A 208 4.15 11.48 14.11
N GLY A 209 4.66 11.41 12.89
CA GLY A 209 5.76 12.27 12.50
C GLY A 209 5.62 12.73 11.06
N THR A 210 6.34 13.78 10.73
CA THR A 210 6.44 14.18 9.34
C THR A 210 7.36 13.25 8.56
N ARG A 211 7.08 13.12 7.27
CA ARG A 211 7.98 12.38 6.40
C ARG A 211 9.37 13.00 6.42
N GLU A 212 9.44 14.33 6.39
CA GLU A 212 10.73 15.02 6.38
C GLU A 212 11.59 14.59 7.57
N LEU A 213 11.01 14.52 8.76
CA LEU A 213 11.75 14.03 9.92
C LEU A 213 12.08 12.56 9.78
N LEU A 214 11.05 11.74 9.55
CA LEU A 214 11.21 10.29 9.70
C LEU A 214 12.15 9.69 8.65
N MET A 215 12.21 10.27 7.46
CA MET A 215 13.13 9.78 6.42
C MET A 215 14.58 10.13 6.74
N SER A 216 14.83 11.03 7.69
CA SER A 216 16.15 11.60 7.88
C SER A 216 16.89 11.02 9.08
N VAL A 217 16.24 10.15 9.86
CA VAL A 217 16.85 9.62 11.08
C VAL A 217 17.07 8.12 10.93
N PRO A 218 18.09 7.56 11.55
CA PRO A 218 18.19 6.10 11.62
C PRO A 218 17.04 5.54 12.44
N PHE A 219 16.77 4.25 12.28
CA PHE A 219 15.77 3.55 13.07
C PHE A 219 16.43 2.46 13.91
N ALA A 220 16.24 2.55 15.21
CA ALA A 220 16.72 1.55 16.12
C ALA A 220 15.90 0.28 15.98
N PRO A 221 16.50 -0.85 16.31
CA PRO A 221 15.82 -2.13 16.16
C PRO A 221 14.88 -2.43 17.33
N GLY A 222 13.89 -3.24 17.04
CA GLY A 222 13.14 -3.90 18.10
C GLY A 222 12.46 -2.93 19.03
N TYR A 223 12.64 -3.19 20.32
CA TYR A 223 12.02 -2.39 21.38
C TYR A 223 12.68 -1.03 21.56
N GLY A 224 13.73 -0.72 20.82
CA GLY A 224 14.35 0.58 20.92
C GLY A 224 13.79 1.63 20.00
N VAL A 225 12.89 1.28 19.08
CA VAL A 225 12.55 2.22 18.02
C VAL A 225 11.93 3.51 18.56
N GLU A 226 11.00 3.40 19.53
N GLU A 226 10.99 3.38 19.51
CA GLU A 226 10.29 4.62 19.95
CA GLU A 226 10.28 4.56 19.99
C GLU A 226 11.22 5.61 20.64
C GLU A 226 11.24 5.56 20.60
N ILE A 227 12.06 5.12 21.54
CA ILE A 227 12.98 5.99 22.30
CA ILE A 227 12.88 6.08 22.24
C ILE A 227 14.04 6.55 21.36
N GLY A 228 14.48 5.73 20.40
CA GLY A 228 15.47 6.19 19.47
C GLY A 228 14.97 7.34 18.63
N LEU A 229 13.73 7.25 18.14
CA LEU A 229 13.16 8.33 17.37
C LEU A 229 13.01 9.58 18.22
N LEU A 230 12.59 9.42 19.48
CA LEU A 230 12.43 10.58 20.35
C LEU A 230 13.75 11.31 20.55
N VAL A 231 14.81 10.56 20.86
CA VAL A 231 16.10 11.18 21.12
C VAL A 231 16.72 11.73 19.84
N ASP A 232 16.61 11.02 18.71
CA ASP A 232 17.16 11.58 17.49
C ASP A 232 16.43 12.87 17.09
N THR A 233 15.11 12.92 17.30
CA THR A 233 14.37 14.15 17.01
C THR A 233 14.87 15.29 17.90
N TYR A 234 14.99 15.02 19.20
CA TYR A 234 15.47 16.02 20.13
C TYR A 234 16.87 16.51 19.78
N ASP A 235 17.76 15.58 19.45
CA ASP A 235 19.14 15.98 19.20
C ASP A 235 19.23 16.85 17.96
N ARG A 236 18.29 16.72 17.05
CA ARG A 236 18.27 17.48 15.81
CA ARG A 236 18.30 17.50 15.82
C ARG A 236 17.51 18.80 15.92
N LEU A 237 16.42 18.81 16.69
CA LEU A 237 15.47 19.93 16.68
C LEU A 237 15.06 20.42 18.06
N GLY A 238 15.41 19.72 19.12
CA GLY A 238 15.04 20.09 20.46
C GLY A 238 13.56 19.89 20.78
N LEU A 239 13.20 20.40 21.96
CA LEU A 239 11.83 20.23 22.45
C LEU A 239 10.80 20.88 21.55
N ASP A 240 11.17 21.97 20.87
CA ASP A 240 10.17 22.71 20.11
C ASP A 240 9.47 21.83 19.08
N ALA A 241 10.15 20.82 18.57
CA ALA A 241 9.64 19.97 17.50
C ALA A 241 8.84 18.79 18.00
N ILE A 242 8.72 18.59 19.31
CA ILE A 242 8.07 17.43 19.89
C ILE A 242 6.83 17.89 20.64
N ALA A 243 5.72 17.18 20.45
CA ALA A 243 4.48 17.47 21.17
C ALA A 243 3.93 16.18 21.75
N GLN A 244 2.92 16.31 22.61
CA GLN A 244 2.24 15.12 23.12
C GLN A 244 0.76 15.44 23.33
N VAL A 245 -0.05 14.41 23.20
CA VAL A 245 -1.50 14.54 23.28
C VAL A 245 -2.08 13.38 24.06
N ASN A 246 -3.10 13.67 24.88
CA ASN A 246 -3.81 12.67 25.66
C ASN A 246 -4.81 11.93 24.79
N LEU A 247 -4.60 10.64 24.62
CA LEU A 247 -5.48 9.80 23.83
C LEU A 247 -6.65 9.23 24.61
N GLY A 248 -6.64 9.35 25.92
CA GLY A 248 -7.72 8.84 26.74
C GLY A 248 -7.20 7.97 27.86
N VAL A 249 -8.12 7.37 28.59
CA VAL A 249 -7.77 6.55 29.75
C VAL A 249 -7.55 5.12 29.28
N ARG A 250 -6.44 4.53 29.69
CA ARG A 250 -6.14 3.13 29.39
C ARG A 250 -5.39 2.51 30.56
N ALA A 251 -5.79 1.31 30.95
CA ALA A 251 -5.08 0.59 32.01
C ALA A 251 -3.71 0.15 31.51
N HIS A 252 -2.76 0.04 32.44
CA HIS A 252 -1.45 -0.48 32.09
C HIS A 252 -1.56 -1.91 31.57
N ARG A 253 -0.83 -2.20 30.50
CA ARG A 253 -0.63 -3.59 30.11
C ARG A 253 0.29 -4.26 31.13
N ASN A 254 0.08 -5.56 31.33
CA ASN A 254 0.91 -6.35 32.25
C ASN A 254 1.63 -7.42 31.44
N ARG A 255 2.83 -7.07 30.98
CA ARG A 255 3.67 -7.99 30.17
C ARG A 255 4.51 -8.83 31.15
N PRO A 256 4.93 -10.04 30.76
CA PRO A 256 5.81 -10.84 31.61
C PRO A 256 7.14 -10.15 31.83
N LEU A 257 7.73 -10.41 33.00
CA LEU A 257 8.98 -9.74 33.35
C LEU A 257 10.07 -10.03 32.32
N THR A 258 10.11 -11.26 31.79
CA THR A 258 11.18 -11.55 30.83
C THR A 258 11.08 -10.63 29.61
N ASP A 259 9.86 -10.33 29.16
CA ASP A 259 9.69 -9.39 28.06
C ASP A 259 10.07 -7.97 28.47
N LEU A 260 9.67 -7.56 29.68
CA LEU A 260 10.07 -6.24 30.17
C LEU A 260 11.58 -6.11 30.28
N ALA A 261 12.26 -7.18 30.73
CA ALA A 261 13.72 -7.11 30.84
C ALA A 261 14.36 -6.98 29.47
N ALA A 262 13.85 -7.70 28.47
CA ALA A 262 14.37 -7.56 27.12
C ALA A 262 14.10 -6.16 26.57
N MET A 263 12.92 -5.62 26.83
CA MET A 263 12.63 -4.24 26.44
CA MET A 263 12.61 -4.23 26.46
C MET A 263 13.62 -3.29 27.10
N SER A 264 13.84 -3.45 28.39
N SER A 264 13.85 -3.47 28.40
CA SER A 264 14.75 -2.55 29.08
CA SER A 264 14.76 -2.58 29.13
C SER A 264 16.14 -2.62 28.47
C SER A 264 16.16 -2.63 28.54
N ARG A 265 16.64 -3.83 28.23
CA ARG A 265 18.01 -3.97 27.70
C ARG A 265 18.16 -3.26 26.38
N GLN A 266 17.13 -3.35 25.50
CA GLN A 266 17.21 -2.67 24.21
C GLN A 266 17.00 -1.16 24.34
N VAL A 267 16.14 -0.72 25.25
CA VAL A 267 16.03 0.73 25.51
C VAL A 267 17.38 1.27 25.94
N ILE A 268 18.08 0.55 26.82
CA ILE A 268 19.42 0.96 27.26
C ILE A 268 20.37 1.01 26.07
N ALA A 269 20.38 -0.03 25.24
CA ALA A 269 21.31 -0.06 24.12
C ALA A 269 21.06 1.11 23.19
N THR A 270 19.80 1.39 22.89
CA THR A 270 19.47 2.46 21.95
C THR A 270 19.81 3.82 22.53
N LEU A 271 19.49 4.05 23.80
CA LEU A 271 19.89 5.33 24.42
C LEU A 271 21.40 5.48 24.45
N PHE A 272 22.11 4.42 24.79
CA PHE A 272 23.56 4.50 24.85
C PHE A 272 24.15 4.85 23.49
N SER A 273 23.62 4.22 22.43
CA SER A 273 24.17 4.47 21.11
CA SER A 273 24.11 4.47 21.08
C SER A 273 23.97 5.92 20.67
N ARG A 274 22.93 6.58 21.15
CA ARG A 274 22.68 7.98 20.82
C ARG A 274 23.38 8.96 21.72
N CYS A 275 23.76 8.53 22.91
CA CYS A 275 24.25 9.43 23.95
C CYS A 275 25.71 9.22 24.28
N GLY A 276 26.47 8.57 23.41
CA GLY A 276 27.91 8.49 23.58
C GLY A 276 28.39 7.47 24.56
N VAL A 277 27.58 6.47 24.89
CA VAL A 277 27.96 5.43 25.84
C VAL A 277 28.19 4.15 25.04
N PRO A 278 29.35 3.51 25.14
CA PRO A 278 29.55 2.22 24.50
C PRO A 278 28.73 1.15 25.22
N ASP A 279 28.53 0.04 24.55
CA ASP A 279 27.67 -1.03 25.00
C ASP A 279 28.34 -2.34 24.63
N SER A 280 28.39 -3.23 25.59
CA SER A 280 29.09 -4.48 25.42
C SER A 280 28.52 -5.36 24.31
N GLY A 281 27.28 -5.15 23.91
CA GLY A 281 26.59 -6.08 23.05
C GLY A 281 26.08 -7.32 23.73
N VAL A 282 26.26 -7.46 25.03
CA VAL A 282 25.87 -8.63 25.78
C VAL A 282 24.40 -8.48 26.19
N GLY A 283 23.57 -9.36 25.67
N GLY A 283 23.55 -9.41 25.76
CA GLY A 283 22.17 -9.38 26.00
CA GLY A 283 22.11 -9.24 25.93
C GLY A 283 21.97 -9.97 27.37
C GLY A 283 21.59 -9.17 27.35
N LEU A 284 20.70 -10.10 27.71
CA LEU A 284 20.32 -10.39 29.08
C LEU A 284 20.89 -11.74 29.45
N THR A 285 21.62 -11.79 30.56
CA THR A 285 21.94 -13.06 31.19
C THR A 285 20.72 -13.52 31.99
N GLN A 286 20.38 -14.79 31.84
CA GLN A 286 19.24 -15.37 32.56
C GLN A 286 19.62 -16.77 33.07
N LEU A 303 21.52 -7.02 16.39
CA LEU A 303 20.76 -6.18 15.48
C LEU A 303 21.20 -4.74 15.61
N VAL A 304 21.45 -4.10 14.48
CA VAL A 304 22.03 -2.76 14.43
C VAL A 304 20.95 -1.78 13.97
N ASP A 305 21.28 -0.50 14.00
CA ASP A 305 20.35 0.49 13.48
C ASP A 305 20.28 0.42 11.96
N ARG A 306 19.13 0.72 11.45
CA ARG A 306 18.98 0.94 10.02
C ARG A 306 19.25 2.41 9.70
N PRO A 307 19.89 2.67 8.57
CA PRO A 307 20.22 4.05 8.19
C PRO A 307 18.98 4.83 7.81
N PRO A 308 19.06 6.15 7.78
CA PRO A 308 17.91 6.95 7.31
C PRO A 308 17.38 6.43 5.99
N MET A 309 16.06 6.34 5.87
CA MET A 309 15.46 5.84 4.64
C MET A 309 15.79 6.72 3.44
N ASN A 310 16.12 7.99 3.65
N ASN A 310 16.11 8.01 3.67
CA ASN A 310 16.51 8.83 2.52
CA ASN A 310 16.56 8.87 2.58
C ASN A 310 17.85 8.42 1.90
C ASN A 310 17.72 8.25 1.80
N THR A 311 18.54 7.42 2.45
CA THR A 311 19.69 6.82 1.77
C THR A 311 19.27 5.80 0.73
N LEU A 312 17.99 5.39 0.72
CA LEU A 312 17.49 4.37 -0.19
C LEU A 312 16.33 4.85 -1.06
N ARG A 313 15.55 5.82 -0.59
CA ARG A 313 14.35 6.26 -1.28
C ARG A 313 14.26 7.78 -1.13
N GLY A 314 13.50 8.42 -2.01
CA GLY A 314 13.43 9.87 -1.98
C GLY A 314 14.66 10.50 -2.61
N HIS A 322 16.59 22.80 9.03
CA HIS A 322 17.86 23.16 9.65
C HIS A 322 17.72 23.69 11.07
N HIS A 323 18.69 23.32 11.94
CA HIS A 323 18.69 23.66 13.37
C HIS A 323 20.16 23.77 13.80
N HIS A 324 20.76 24.91 13.47
CA HIS A 324 22.20 25.02 13.44
C HIS A 324 22.84 25.09 14.82
N HIS A 325 24.01 24.47 14.94
CA HIS A 325 24.82 24.59 16.13
C HIS A 325 25.92 25.63 15.99
N HIS A 326 25.98 26.31 14.85
CA HIS A 326 26.90 27.43 14.67
C HIS A 326 26.14 28.59 14.07
N HIS A 327 26.82 29.72 13.99
CA HIS A 327 26.21 30.99 13.59
C HIS A 327 27.19 31.78 12.73
N THR B 10 -17.70 5.05 4.90
CA THR B 10 -17.04 4.17 3.93
C THR B 10 -17.55 4.44 2.52
N ASP B 11 -18.84 4.79 2.41
CA ASP B 11 -19.31 5.35 1.15
C ASP B 11 -18.62 6.67 0.87
N LEU B 12 -18.23 7.39 1.91
CA LEU B 12 -17.41 8.59 1.76
C LEU B 12 -16.17 8.29 0.95
N ALA B 13 -15.41 7.26 1.36
CA ALA B 13 -14.22 6.85 0.61
C ALA B 13 -14.57 6.51 -0.83
N ARG B 14 -15.62 5.73 -1.03
CA ARG B 14 -16.02 5.36 -2.38
C ARG B 14 -16.45 6.58 -3.17
N HIS B 15 -17.11 7.52 -2.50
CA HIS B 15 -17.56 8.74 -3.19
C HIS B 15 -16.38 9.60 -3.64
N ARG B 16 -15.40 9.83 -2.76
CA ARG B 16 -14.24 10.63 -3.13
C ARG B 16 -13.47 9.98 -4.28
N TRP B 17 -13.32 8.66 -4.25
CA TRP B 17 -12.63 7.98 -5.33
C TRP B 17 -13.37 8.11 -6.65
N LEU B 18 -14.70 8.00 -6.62
CA LEU B 18 -15.44 8.16 -7.88
C LEU B 18 -15.28 9.58 -8.42
N THR B 19 -15.25 10.57 -7.53
CA THR B 19 -15.16 11.94 -8.03
CA THR B 19 -15.13 11.95 -7.95
C THR B 19 -13.81 12.22 -8.67
N ASP B 20 -12.73 11.61 -8.18
CA ASP B 20 -11.38 11.92 -8.66
C ASP B 20 -10.83 10.89 -9.62
N ASN B 21 -11.26 9.64 -9.53
CA ASN B 21 -10.59 8.54 -10.22
C ASN B 21 -11.52 7.77 -11.15
N SER B 22 -12.74 8.24 -11.37
CA SER B 22 -13.65 7.60 -12.30
C SER B 22 -14.16 8.64 -13.29
N TRP B 23 -14.19 8.27 -14.56
CA TRP B 23 -14.65 9.17 -15.63
C TRP B 23 -15.73 8.45 -16.42
N THR B 24 -16.97 8.94 -16.31
CA THR B 24 -18.06 8.44 -17.13
CA THR B 24 -18.04 8.42 -17.15
C THR B 24 -18.06 9.05 -18.53
N ARG B 25 -17.46 10.24 -18.70
CA ARG B 25 -17.42 10.91 -19.99
C ARG B 25 -16.05 11.53 -20.21
N PRO B 26 -15.04 10.70 -20.41
CA PRO B 26 -13.70 11.26 -20.60
C PRO B 26 -13.64 12.25 -21.77
N THR B 27 -13.05 13.42 -21.56
CA THR B 27 -13.03 14.44 -22.61
C THR B 27 -11.83 14.33 -23.54
N TRP B 28 -10.87 13.47 -23.24
CA TRP B 28 -9.56 13.61 -23.83
C TRP B 28 -9.57 13.34 -25.33
N THR B 29 -8.78 14.14 -26.03
CA THR B 29 -8.50 13.89 -27.45
C THR B 29 -7.18 13.15 -27.59
N VAL B 30 -7.05 12.47 -28.73
CA VAL B 30 -5.78 11.83 -29.06
C VAL B 30 -4.64 12.84 -29.02
N ALA B 31 -4.85 14.03 -29.59
CA ALA B 31 -3.76 15.00 -29.66
C ALA B 31 -3.30 15.43 -28.27
N GLU B 32 -4.26 15.67 -27.38
CA GLU B 32 -3.93 16.07 -26.02
C GLU B 32 -3.12 14.97 -25.33
N LEU B 33 -3.49 13.72 -25.56
CA LEU B 33 -2.79 12.61 -24.91
C LEU B 33 -1.40 12.42 -25.49
N GLU B 34 -1.25 12.55 -26.80
CA GLU B 34 0.10 12.49 -27.37
C GLU B 34 0.99 13.56 -26.77
N ALA B 35 0.46 14.78 -26.59
CA ALA B 35 1.25 15.87 -26.07
C ALA B 35 1.65 15.67 -24.62
N ALA B 36 0.95 14.78 -23.91
CA ALA B 36 1.23 14.50 -22.51
C ALA B 36 2.16 13.31 -22.30
N LYS B 37 2.56 12.62 -23.36
CA LYS B 37 3.37 11.40 -23.18
C LYS B 37 4.68 11.70 -22.45
N ALA B 38 5.27 12.87 -22.69
CA ALA B 38 6.47 13.29 -21.97
C ALA B 38 7.56 12.21 -22.00
N GLY B 39 7.77 11.63 -23.18
CA GLY B 39 8.80 10.63 -23.37
C GLY B 39 8.41 9.21 -23.04
N ARG B 40 7.26 8.99 -22.42
CA ARG B 40 6.77 7.65 -22.17
C ARG B 40 6.29 7.05 -23.47
N THR B 41 6.43 5.73 -23.58
CA THR B 41 5.94 4.98 -24.71
C THR B 41 4.82 4.05 -24.28
N ILE B 42 3.98 3.69 -25.25
CA ILE B 42 2.75 2.93 -25.00
C ILE B 42 2.75 1.69 -25.87
N SER B 43 2.62 0.53 -25.25
CA SER B 43 2.43 -0.75 -25.93
C SER B 43 1.00 -1.22 -25.74
N VAL B 44 0.39 -1.70 -26.82
CA VAL B 44 -0.94 -2.30 -26.77
C VAL B 44 -0.80 -3.78 -27.09
N VAL B 45 -1.37 -4.61 -26.22
CA VAL B 45 -1.30 -6.07 -26.30
C VAL B 45 -2.71 -6.63 -26.33
N LEU B 46 -3.00 -7.45 -27.34
CA LEU B 46 -4.26 -8.16 -27.47
C LEU B 46 -3.98 -9.65 -27.29
N PRO B 47 -4.40 -10.27 -26.20
CA PRO B 47 -4.28 -11.72 -26.10
C PRO B 47 -5.25 -12.36 -27.09
N ALA B 48 -4.87 -13.49 -27.67
CA ALA B 48 -5.75 -14.14 -28.64
C ALA B 48 -5.54 -15.64 -28.69
N LEU B 49 -6.65 -16.37 -28.64
CA LEU B 49 -6.67 -17.81 -28.89
C LEU B 49 -7.91 -18.10 -29.73
N ASN B 50 -7.69 -18.38 -31.02
CA ASN B 50 -8.76 -18.77 -31.93
C ASN B 50 -9.87 -17.73 -31.98
N GLU B 51 -9.47 -16.51 -32.34
CA GLU B 51 -10.40 -15.39 -32.46
C GLU B 51 -10.44 -14.84 -33.88
N GLU B 52 -10.40 -15.72 -34.89
CA GLU B 52 -10.23 -15.22 -36.25
C GLU B 52 -11.37 -14.30 -36.70
N GLU B 53 -12.57 -14.44 -36.13
CA GLU B 53 -13.67 -13.62 -36.61
C GLU B 53 -13.61 -12.18 -36.13
N THR B 54 -12.94 -11.90 -35.03
CA THR B 54 -12.96 -10.58 -34.43
C THR B 54 -11.60 -9.89 -34.32
N VAL B 55 -10.50 -10.64 -34.34
CA VAL B 55 -9.21 -10.02 -34.00
C VAL B 55 -8.87 -8.89 -34.95
N GLY B 56 -9.10 -9.09 -36.24
CA GLY B 56 -8.78 -8.06 -37.22
C GLY B 56 -9.53 -6.78 -36.97
N GLY B 57 -10.83 -6.90 -36.65
CA GLY B 57 -11.63 -5.73 -36.36
C GLY B 57 -11.12 -4.94 -35.17
N VAL B 58 -10.67 -5.64 -34.12
CA VAL B 58 -10.12 -4.93 -32.96
C VAL B 58 -8.82 -4.23 -33.35
N VAL B 59 -7.92 -4.96 -34.00
CA VAL B 59 -6.65 -4.38 -34.42
C VAL B 59 -6.87 -3.14 -35.28
N GLU B 60 -7.82 -3.21 -36.22
CA GLU B 60 -8.05 -2.08 -37.11
C GLU B 60 -8.46 -0.81 -36.38
N THR B 61 -9.11 -0.94 -35.22
CA THR B 61 -9.50 0.27 -34.49
C THR B 61 -8.33 0.94 -33.78
N ILE B 62 -7.22 0.24 -33.60
CA ILE B 62 -6.06 0.73 -32.86
C ILE B 62 -4.94 1.14 -33.82
N ARG B 63 -4.86 0.48 -34.97
N ARG B 63 -4.85 0.45 -34.95
CA ARG B 63 -3.73 0.71 -35.86
CA ARG B 63 -3.78 0.70 -35.91
C ARG B 63 -3.56 2.17 -36.29
C ARG B 63 -3.57 2.18 -36.24
N PRO B 64 -4.61 2.99 -36.43
CA PRO B 64 -4.37 4.41 -36.77
C PRO B 64 -3.56 5.16 -35.73
N LEU B 65 -3.48 4.66 -34.50
CA LEU B 65 -2.70 5.29 -33.43
C LEU B 65 -1.23 4.94 -33.50
N LEU B 66 -0.89 3.90 -34.26
CA LEU B 66 0.48 3.39 -34.26
C LEU B 66 1.41 4.43 -34.89
N GLY B 67 2.50 4.73 -34.20
CA GLY B 67 3.42 5.76 -34.62
C GLY B 67 3.07 7.14 -34.10
N GLY B 68 1.96 7.26 -33.40
CA GLY B 68 1.58 8.47 -32.71
C GLY B 68 1.37 8.16 -31.23
N LEU B 69 0.11 8.10 -30.78
CA LEU B 69 -0.13 7.76 -29.38
C LEU B 69 0.46 6.40 -29.03
N VAL B 70 0.29 5.41 -29.91
CA VAL B 70 0.68 4.03 -29.63
C VAL B 70 2.02 3.76 -30.29
N ASP B 71 2.95 3.18 -29.53
CA ASP B 71 4.28 2.88 -30.05
C ASP B 71 4.43 1.45 -30.54
N GLU B 72 3.71 0.49 -29.95
CA GLU B 72 3.73 -0.90 -30.35
C GLU B 72 2.32 -1.46 -30.30
N LEU B 73 1.97 -2.31 -31.27
CA LEU B 73 0.65 -2.95 -31.35
C LEU B 73 0.89 -4.42 -31.63
N ILE B 74 0.63 -5.26 -30.62
CA ILE B 74 0.98 -6.66 -30.62
C ILE B 74 -0.24 -7.52 -30.32
N VAL B 75 -0.40 -8.60 -31.08
CA VAL B 75 -1.30 -9.69 -30.72
C VAL B 75 -0.45 -10.81 -30.16
N LEU B 76 -0.74 -11.22 -28.91
CA LEU B 76 0.01 -12.30 -28.24
C LEU B 76 -0.83 -13.56 -28.47
N ASP B 77 -0.43 -14.35 -29.45
CA ASP B 77 -1.17 -15.54 -29.79
C ASP B 77 -0.83 -16.71 -28.87
N SER B 78 -1.86 -17.42 -28.44
CA SER B 78 -1.76 -18.49 -27.44
C SER B 78 -1.81 -19.89 -28.06
N GLY B 79 -1.54 -20.01 -29.35
CA GLY B 79 -1.54 -21.30 -30.02
C GLY B 79 -2.75 -21.52 -30.91
N SER B 80 -3.18 -20.47 -31.59
CA SER B 80 -4.35 -20.58 -32.43
C SER B 80 -4.11 -21.55 -33.59
N THR B 81 -5.17 -22.26 -33.97
CA THR B 81 -5.16 -23.11 -35.15
C THR B 81 -6.09 -22.60 -36.24
N ASP B 82 -6.80 -21.50 -35.98
CA ASP B 82 -7.61 -20.85 -36.99
C ASP B 82 -6.75 -19.79 -37.67
N ASP B 83 -7.37 -18.81 -38.34
CA ASP B 83 -6.61 -17.78 -39.05
C ASP B 83 -6.37 -16.52 -38.22
N THR B 84 -6.35 -16.63 -36.90
CA THR B 84 -6.08 -15.47 -36.04
C THR B 84 -4.80 -14.75 -36.46
N GLU B 85 -3.70 -15.47 -36.64
CA GLU B 85 -2.42 -14.80 -36.86
C GLU B 85 -2.42 -14.00 -38.17
N ILE B 86 -2.79 -14.63 -39.27
CA ILE B 86 -2.68 -13.91 -40.54
C ILE B 86 -3.66 -12.74 -40.58
N ARG B 87 -4.84 -12.89 -40.00
CA ARG B 87 -5.79 -11.77 -39.98
C ARG B 87 -5.31 -10.64 -39.09
N ALA B 88 -4.69 -10.95 -37.95
CA ALA B 88 -4.15 -9.90 -37.10
C ALA B 88 -3.04 -9.14 -37.80
N MET B 89 -2.16 -9.87 -38.50
CA MET B 89 -1.05 -9.22 -39.21
C MET B 89 -1.58 -8.35 -40.33
N ALA B 90 -2.56 -8.84 -41.08
CA ALA B 90 -3.09 -8.04 -42.17
C ALA B 90 -3.72 -6.74 -41.67
N ALA B 91 -4.25 -6.75 -40.45
CA ALA B 91 -4.84 -5.56 -39.86
C ALA B 91 -3.80 -4.61 -39.28
N GLY B 92 -2.53 -5.02 -39.22
CA GLY B 92 -1.45 -4.13 -38.83
C GLY B 92 -0.80 -4.42 -37.49
N ALA B 93 -1.10 -5.54 -36.86
CA ALA B 93 -0.46 -5.90 -35.61
C ALA B 93 0.77 -6.76 -35.89
N ARG B 94 1.74 -6.71 -34.96
CA ARG B 94 2.81 -7.71 -34.90
C ARG B 94 2.29 -8.87 -34.06
N VAL B 95 2.39 -10.09 -34.58
CA VAL B 95 1.89 -11.28 -33.89
C VAL B 95 3.06 -12.01 -33.26
N ILE B 96 2.98 -12.22 -31.95
CA ILE B 96 4.04 -12.80 -31.13
C ILE B 96 3.45 -14.02 -30.42
N SER B 97 4.09 -15.19 -30.61
CA SER B 97 3.68 -16.39 -29.92
C SER B 97 4.15 -16.36 -28.46
N ARG B 98 3.56 -17.24 -27.64
CA ARG B 98 4.03 -17.36 -26.26
C ARG B 98 5.49 -17.77 -26.20
N GLU B 99 5.91 -18.65 -27.12
CA GLU B 99 7.29 -19.12 -27.17
C GLU B 99 8.25 -17.99 -27.48
N VAL B 100 7.94 -17.18 -28.49
CA VAL B 100 8.82 -16.06 -28.83
C VAL B 100 8.88 -15.07 -27.67
N ALA B 101 7.77 -14.85 -26.98
CA ALA B 101 7.75 -13.85 -25.92
C ALA B 101 8.70 -14.20 -24.80
N LEU B 102 8.84 -15.47 -24.47
CA LEU B 102 9.59 -15.91 -23.29
C LEU B 102 10.10 -17.33 -23.55
N PRO B 103 11.17 -17.46 -24.33
CA PRO B 103 11.42 -18.76 -24.97
C PRO B 103 11.89 -19.85 -24.03
N GLU B 104 12.57 -19.51 -22.95
CA GLU B 104 13.16 -20.54 -22.09
C GLU B 104 12.22 -21.02 -20.99
N VAL B 105 10.98 -20.54 -20.95
CA VAL B 105 9.99 -20.93 -19.96
C VAL B 105 8.88 -21.66 -20.69
N ALA B 106 8.59 -22.88 -20.28
CA ALA B 106 7.56 -23.66 -20.95
C ALA B 106 6.20 -22.97 -20.76
N PRO B 107 5.38 -22.88 -21.81
CA PRO B 107 4.06 -22.26 -21.64
C PRO B 107 3.12 -23.11 -20.82
N GLN B 108 2.23 -22.44 -20.12
CA GLN B 108 1.11 -23.05 -19.43
C GLN B 108 -0.17 -22.42 -19.96
N PRO B 109 -1.31 -23.10 -19.87
CA PRO B 109 -2.52 -22.56 -20.50
C PRO B 109 -3.08 -21.37 -19.75
N GLY B 110 -3.95 -20.64 -20.42
CA GLY B 110 -4.77 -19.62 -19.78
C GLY B 110 -4.35 -18.20 -20.14
N LYS B 111 -5.27 -17.27 -19.87
N LYS B 111 -5.28 -17.26 -19.91
CA LYS B 111 -5.09 -15.88 -20.28
CA LYS B 111 -5.05 -15.88 -20.30
C LYS B 111 -3.99 -15.18 -19.48
C LYS B 111 -3.93 -15.24 -19.49
N GLY B 112 -3.91 -15.46 -18.17
CA GLY B 112 -2.91 -14.80 -17.36
C GLY B 112 -1.49 -15.03 -17.86
N GLU B 113 -1.22 -16.25 -18.33
CA GLU B 113 0.07 -16.59 -18.91
C GLU B 113 0.42 -15.66 -20.06
N VAL B 114 -0.55 -15.38 -20.91
CA VAL B 114 -0.32 -14.61 -22.11
C VAL B 114 0.00 -13.16 -21.77
N LEU B 115 -0.77 -12.57 -20.85
CA LEU B 115 -0.52 -11.18 -20.46
C LEU B 115 0.83 -11.05 -19.77
N TRP B 116 1.16 -12.02 -18.91
CA TRP B 116 2.46 -12.00 -18.23
C TRP B 116 3.58 -12.07 -19.27
N ARG B 117 3.52 -13.05 -20.18
CA ARG B 117 4.58 -13.19 -21.18
C ARG B 117 4.76 -11.93 -22.02
N SER B 118 3.66 -11.21 -22.29
CA SER B 118 3.77 -10.03 -23.12
C SER B 118 4.68 -8.98 -22.51
N LEU B 119 4.85 -9.00 -21.17
CA LEU B 119 5.75 -8.05 -20.54
C LEU B 119 7.19 -8.21 -21.00
N ALA B 120 7.58 -9.42 -21.39
CA ALA B 120 8.94 -9.67 -21.88
C ALA B 120 9.09 -9.34 -23.36
N ALA B 121 7.99 -9.06 -24.05
CA ALA B 121 7.98 -8.85 -25.49
C ALA B 121 7.58 -7.45 -25.87
N THR B 122 7.54 -6.53 -24.91
CA THR B 122 7.13 -5.16 -25.13
C THR B 122 8.15 -4.23 -24.49
N THR B 123 8.11 -2.98 -24.90
CA THR B 123 9.01 -1.97 -24.37
C THR B 123 8.29 -0.78 -23.75
N GLY B 124 6.96 -0.76 -23.72
CA GLY B 124 6.27 0.43 -23.29
C GLY B 124 6.41 0.70 -21.81
N ASP B 125 6.44 2.00 -21.47
CA ASP B 125 6.27 2.46 -20.10
C ASP B 125 4.84 2.25 -19.60
N ILE B 126 3.92 2.13 -20.54
CA ILE B 126 2.52 1.85 -20.28
C ILE B 126 2.14 0.68 -21.18
N ILE B 127 1.45 -0.31 -20.62
CA ILE B 127 0.96 -1.45 -21.38
C ILE B 127 -0.56 -1.45 -21.28
N VAL B 128 -1.22 -1.55 -22.43
CA VAL B 128 -2.67 -1.54 -22.52
C VAL B 128 -3.10 -2.91 -23.02
N PHE B 129 -4.00 -3.55 -22.29
CA PHE B 129 -4.56 -4.85 -22.68
C PHE B 129 -5.99 -4.63 -23.19
N ILE B 130 -6.30 -5.25 -24.34
CA ILE B 130 -7.61 -5.18 -24.97
C ILE B 130 -7.94 -6.60 -25.43
N ASP B 131 -9.13 -7.10 -25.11
CA ASP B 131 -9.52 -8.43 -25.56
C ASP B 131 -9.70 -8.47 -27.07
N SER B 132 -9.38 -9.62 -27.66
CA SER B 132 -9.45 -9.82 -29.10
CA SER B 132 -9.46 -9.77 -29.10
C SER B 132 -10.78 -10.34 -29.57
N ASP B 133 -11.68 -10.68 -28.66
CA ASP B 133 -12.99 -11.23 -28.98
C ASP B 133 -14.10 -10.18 -28.96
N LEU B 134 -13.75 -8.89 -28.92
CA LEU B 134 -14.74 -7.84 -28.87
C LEU B 134 -15.42 -7.71 -30.22
N ILE B 135 -16.74 -7.72 -30.20
CA ILE B 135 -17.46 -7.65 -31.47
C ILE B 135 -17.62 -6.22 -31.91
N ASP B 136 -17.60 -5.26 -30.99
CA ASP B 136 -17.88 -3.87 -31.30
C ASP B 136 -16.80 -2.97 -30.73
N PRO B 137 -15.57 -3.09 -31.22
CA PRO B 137 -14.49 -2.24 -30.69
C PRO B 137 -14.64 -0.81 -31.17
N ASP B 138 -14.14 0.11 -30.37
CA ASP B 138 -14.21 1.53 -30.69
C ASP B 138 -12.81 2.12 -30.67
N PRO B 139 -12.46 2.99 -31.62
CA PRO B 139 -11.09 3.52 -31.68
C PRO B 139 -10.66 4.33 -30.47
N MET B 140 -11.58 4.83 -29.64
CA MET B 140 -11.17 5.62 -28.49
C MET B 140 -10.89 4.77 -27.25
N PHE B 141 -10.91 3.42 -27.35
CA PHE B 141 -10.60 2.61 -26.18
C PHE B 141 -9.22 2.92 -25.61
N VAL B 142 -8.17 2.83 -26.45
CA VAL B 142 -6.81 3.03 -25.93
C VAL B 142 -6.64 4.45 -25.40
N PRO B 143 -7.05 5.50 -26.12
CA PRO B 143 -7.00 6.86 -25.54
C PRO B 143 -7.65 6.98 -24.17
N LYS B 144 -8.85 6.41 -24.01
CA LYS B 144 -9.55 6.55 -22.74
C LYS B 144 -8.82 5.80 -21.63
N LEU B 145 -8.24 4.63 -21.95
CA LEU B 145 -7.54 3.86 -20.93
C LEU B 145 -6.25 4.55 -20.47
N VAL B 146 -5.55 5.25 -21.37
CA VAL B 146 -4.29 5.86 -20.98
C VAL B 146 -4.44 7.25 -20.40
N GLY B 147 -5.60 7.89 -20.57
CA GLY B 147 -5.81 9.23 -20.08
C GLY B 147 -5.39 9.44 -18.63
N PRO B 148 -5.88 8.62 -17.70
CA PRO B 148 -5.52 8.85 -16.30
C PRO B 148 -4.05 8.61 -16.03
N LEU B 149 -3.42 7.71 -16.77
CA LEU B 149 -1.99 7.47 -16.61
C LEU B 149 -1.18 8.67 -17.05
N LEU B 150 -1.59 9.32 -18.14
CA LEU B 150 -0.81 10.39 -18.73
C LEU B 150 -1.10 11.75 -18.12
N LEU B 151 -2.35 11.97 -17.67
CA LEU B 151 -2.81 13.30 -17.28
C LEU B 151 -3.07 13.46 -15.80
N SER B 152 -3.30 12.37 -15.07
CA SER B 152 -3.39 12.44 -13.62
C SER B 152 -2.02 12.09 -13.05
N GLU B 153 -1.89 12.28 -11.75
CA GLU B 153 -0.70 11.88 -11.03
C GLU B 153 -1.04 10.71 -10.13
N GLY B 154 -0.11 9.78 -10.01
CA GLY B 154 -0.25 8.71 -9.06
C GLY B 154 -1.06 7.51 -9.50
N VAL B 155 -1.59 7.49 -10.73
CA VAL B 155 -2.40 6.37 -11.20
C VAL B 155 -1.49 5.37 -11.89
N HIS B 156 -1.70 4.09 -11.58
CA HIS B 156 -0.93 3.00 -12.16
C HIS B 156 -1.76 1.93 -12.86
N LEU B 157 -3.07 1.91 -12.64
CA LEU B 157 -3.93 0.88 -13.24
C LEU B 157 -5.25 1.56 -13.58
N VAL B 158 -5.66 1.47 -14.85
CA VAL B 158 -6.92 2.05 -15.31
C VAL B 158 -7.80 0.92 -15.86
N LYS B 159 -8.99 0.77 -15.27
CA LYS B 159 -9.96 -0.26 -15.64
C LYS B 159 -11.03 0.35 -16.54
N GLY B 160 -11.17 -0.20 -17.75
CA GLY B 160 -12.21 0.27 -18.66
C GLY B 160 -13.50 -0.46 -18.38
N PHE B 161 -14.58 0.30 -18.18
CA PHE B 161 -15.89 -0.28 -17.95
C PHE B 161 -16.83 0.15 -19.06
N TYR B 162 -17.93 -0.59 -19.18
CA TYR B 162 -18.97 -0.28 -20.15
C TYR B 162 -20.26 0.06 -19.44
N ARG B 163 -20.91 1.10 -19.93
CA ARG B 163 -22.29 1.39 -19.47
C ARG B 163 -23.14 0.29 -20.13
N ARG B 164 -24.20 -0.18 -19.50
CA ARG B 164 -25.05 -1.24 -20.01
C ARG B 164 -26.37 -0.67 -20.52
N PRO B 165 -26.95 -1.27 -21.58
CA PRO B 165 -28.25 -0.76 -22.02
C PRO B 165 -29.36 -1.09 -21.02
N GLY B 177 -19.55 -6.90 -16.26
CA GLY B 177 -20.51 -6.57 -15.23
C GLY B 177 -21.65 -7.56 -15.15
N GLY B 178 -21.44 -8.74 -15.73
CA GLY B 178 -22.46 -9.76 -15.80
C GLY B 178 -22.65 -10.49 -14.48
N ARG B 179 -23.09 -11.74 -14.59
CA ARG B 179 -23.41 -12.48 -13.37
C ARG B 179 -22.19 -12.87 -12.56
N VAL B 180 -21.04 -13.15 -13.19
CA VAL B 180 -19.87 -13.44 -12.37
C VAL B 180 -19.44 -12.19 -11.63
N THR B 181 -19.52 -11.04 -12.30
CA THR B 181 -19.13 -9.80 -11.63
C THR B 181 -20.06 -9.49 -10.46
N GLU B 182 -21.38 -9.58 -10.67
CA GLU B 182 -22.29 -9.12 -9.64
C GLU B 182 -22.56 -10.16 -8.56
N LEU B 183 -22.45 -11.45 -8.87
CA LEU B 183 -22.72 -12.48 -7.88
C LEU B 183 -21.45 -13.00 -7.23
N VAL B 184 -20.29 -12.91 -7.90
CA VAL B 184 -19.05 -13.51 -7.39
C VAL B 184 -18.03 -12.43 -7.03
N ALA B 185 -17.56 -11.68 -8.00
CA ALA B 185 -16.44 -10.79 -7.73
C ALA B 185 -16.80 -9.66 -6.77
N ARG B 186 -17.89 -8.96 -7.01
CA ARG B 186 -18.21 -7.80 -6.17
CA ARG B 186 -18.20 -7.79 -6.18
C ARG B 186 -18.56 -8.22 -4.76
N PRO B 187 -19.38 -9.27 -4.56
CA PRO B 187 -19.64 -9.70 -3.18
C PRO B 187 -18.40 -10.24 -2.45
N LEU B 188 -17.52 -10.95 -3.15
CA LEU B 188 -16.29 -11.41 -2.51
C LEU B 188 -15.38 -10.24 -2.14
N LEU B 189 -15.29 -9.24 -3.02
CA LEU B 189 -14.53 -8.06 -2.64
C LEU B 189 -15.16 -7.33 -1.45
N ALA B 190 -16.49 -7.25 -1.40
CA ALA B 190 -17.13 -6.66 -0.24
C ALA B 190 -16.67 -7.35 1.04
N ALA B 191 -16.53 -8.68 0.99
CA ALA B 191 -16.13 -9.45 2.17
C ALA B 191 -14.65 -9.30 2.49
N LEU B 192 -13.77 -9.21 1.48
CA LEU B 192 -12.33 -9.41 1.68
C LEU B 192 -11.45 -8.22 1.29
N ARG B 193 -11.94 -7.30 0.48
CA ARG B 193 -11.23 -6.05 0.17
C ARG B 193 -12.29 -4.99 -0.01
N PRO B 194 -12.95 -4.57 1.07
CA PRO B 194 -14.23 -3.85 0.90
C PRO B 194 -14.13 -2.56 0.09
N GLU B 195 -13.03 -1.81 0.15
CA GLU B 195 -12.97 -0.59 -0.64
C GLU B 195 -13.11 -0.85 -2.13
N LEU B 196 -12.67 -2.01 -2.60
CA LEU B 196 -12.63 -2.29 -4.03
C LEU B 196 -13.99 -2.53 -4.63
N THR B 197 -15.08 -2.56 -3.85
CA THR B 197 -16.38 -2.62 -4.49
C THR B 197 -16.69 -1.36 -5.28
N CYS B 198 -15.91 -0.28 -5.14
CA CYS B 198 -16.08 0.93 -5.94
C CYS B 198 -15.76 0.69 -7.41
N VAL B 199 -14.99 -0.34 -7.73
CA VAL B 199 -14.62 -0.65 -9.11
C VAL B 199 -15.82 -1.33 -9.79
N LEU B 200 -16.33 -0.72 -10.86
CA LEU B 200 -17.58 -1.20 -11.43
C LEU B 200 -17.44 -2.58 -12.06
N GLN B 201 -16.37 -2.78 -12.81
CA GLN B 201 -16.18 -4.00 -13.62
C GLN B 201 -14.78 -4.55 -13.35
N PRO B 202 -14.58 -5.13 -12.17
CA PRO B 202 -13.23 -5.60 -11.79
C PRO B 202 -12.67 -6.68 -12.69
N LEU B 203 -13.52 -7.45 -13.35
CA LEU B 203 -13.08 -8.54 -14.20
C LEU B 203 -12.86 -8.12 -15.65
N GLY B 204 -13.03 -6.84 -15.97
CA GLY B 204 -12.95 -6.43 -17.36
C GLY B 204 -11.57 -6.67 -17.97
N GLY B 205 -11.57 -6.98 -19.26
CA GLY B 205 -10.36 -7.27 -20.02
C GLY B 205 -9.68 -6.10 -20.67
N GLU B 206 -10.29 -4.90 -20.62
CA GLU B 206 -9.70 -3.70 -21.19
C GLU B 206 -9.16 -2.87 -20.03
N TYR B 207 -7.84 -2.75 -19.95
CA TYR B 207 -7.22 -2.01 -18.87
C TYR B 207 -5.79 -1.67 -19.25
N ALA B 208 -5.22 -0.67 -18.58
CA ALA B 208 -3.85 -0.22 -18.83
C ALA B 208 -3.12 -0.12 -17.51
N GLY B 209 -1.81 -0.42 -17.54
CA GLY B 209 -1.00 -0.32 -16.36
C GLY B 209 0.38 0.25 -16.68
N THR B 210 1.01 0.80 -15.65
CA THR B 210 2.39 1.21 -15.83
C THR B 210 3.31 0.00 -15.81
N ARG B 211 4.44 0.16 -16.48
CA ARG B 211 5.47 -0.84 -16.46
C ARG B 211 5.96 -1.09 -15.04
N GLU B 212 6.10 -0.01 -14.24
CA GLU B 212 6.54 -0.11 -12.86
C GLU B 212 5.69 -1.10 -12.08
N LEU B 213 4.38 -0.97 -12.22
CA LEU B 213 3.48 -1.89 -11.55
C LEU B 213 3.59 -3.29 -12.15
N LEU B 214 3.40 -3.39 -13.46
CA LEU B 214 3.14 -4.70 -14.04
C LEU B 214 4.37 -5.60 -14.00
N MET B 215 5.57 -5.03 -14.08
CA MET B 215 6.79 -5.81 -14.05
CA MET B 215 6.78 -5.84 -14.04
C MET B 215 7.09 -6.36 -12.66
N SER B 216 6.43 -5.84 -11.62
CA SER B 216 6.80 -6.11 -10.24
C SER B 216 5.83 -6.99 -9.49
N VAL B 217 4.71 -7.39 -10.10
CA VAL B 217 3.69 -8.19 -9.41
C VAL B 217 3.62 -9.59 -10.01
N PRO B 218 3.29 -10.58 -9.21
CA PRO B 218 3.00 -11.90 -9.77
C PRO B 218 1.76 -11.80 -10.64
N PHE B 219 1.61 -12.73 -11.59
CA PHE B 219 0.44 -12.81 -12.45
C PHE B 219 -0.31 -14.10 -12.14
N ALA B 220 -1.57 -13.97 -11.77
CA ALA B 220 -2.41 -15.12 -11.55
C ALA B 220 -2.72 -15.82 -12.86
N PRO B 221 -2.98 -17.12 -12.79
CA PRO B 221 -3.26 -17.89 -14.01
C PRO B 221 -4.68 -17.75 -14.50
N GLY B 222 -4.84 -18.02 -15.79
CA GLY B 222 -6.16 -18.21 -16.36
C GLY B 222 -7.05 -17.00 -16.18
N TYR B 223 -8.30 -17.28 -15.80
CA TYR B 223 -9.32 -16.28 -15.60
C TYR B 223 -9.12 -15.47 -14.32
N GLY B 224 -8.12 -15.77 -13.54
CA GLY B 224 -7.86 -14.98 -12.36
C GLY B 224 -7.02 -13.74 -12.57
N VAL B 225 -6.47 -13.55 -13.76
CA VAL B 225 -5.44 -12.53 -13.92
C VAL B 225 -5.95 -11.12 -13.58
N GLU B 226 -7.16 -10.76 -14.06
N GLU B 226 -7.17 -10.78 -14.03
CA GLU B 226 -7.65 -9.40 -13.84
CA GLU B 226 -7.65 -9.41 -13.86
C GLU B 226 -7.81 -9.11 -12.35
C GLU B 226 -7.87 -9.09 -12.38
N ILE B 227 -8.50 -9.99 -11.64
CA ILE B 227 -8.76 -9.70 -10.24
C ILE B 227 -7.47 -9.75 -9.43
N GLY B 228 -6.56 -10.63 -9.80
CA GLY B 228 -5.27 -10.67 -9.12
C GLY B 228 -4.52 -9.36 -9.25
N LEU B 229 -4.50 -8.80 -10.46
CA LEU B 229 -3.81 -7.53 -10.67
C LEU B 229 -4.51 -6.41 -9.90
N LEU B 230 -5.84 -6.40 -9.89
CA LEU B 230 -6.56 -5.36 -9.17
C LEU B 230 -6.21 -5.40 -7.68
N VAL B 231 -6.28 -6.58 -7.09
CA VAL B 231 -6.03 -6.70 -5.65
C VAL B 231 -4.59 -6.37 -5.31
N ASP B 232 -3.64 -6.86 -6.11
CA ASP B 232 -2.24 -6.58 -5.82
C ASP B 232 -1.95 -5.09 -5.95
N THR B 233 -2.54 -4.43 -6.96
CA THR B 233 -2.33 -3.00 -7.11
C THR B 233 -2.91 -2.27 -5.91
N TYR B 234 -4.12 -2.62 -5.50
CA TYR B 234 -4.74 -2.02 -4.33
C TYR B 234 -3.85 -2.17 -3.10
N ASP B 235 -3.40 -3.40 -2.82
CA ASP B 235 -2.63 -3.60 -1.60
C ASP B 235 -1.32 -2.81 -1.66
N ARG B 236 -0.59 -2.92 -2.77
CA ARG B 236 0.77 -2.38 -2.84
C ARG B 236 0.78 -0.89 -3.06
N LEU B 237 -0.07 -0.37 -3.93
CA LEU B 237 0.00 1.02 -4.35
C LEU B 237 -1.18 1.85 -3.88
N GLY B 238 -2.29 1.22 -3.52
CA GLY B 238 -3.41 1.88 -2.90
C GLY B 238 -4.56 2.24 -3.87
N LEU B 239 -5.67 2.63 -3.26
CA LEU B 239 -6.89 2.89 -4.01
C LEU B 239 -6.69 4.00 -5.03
N ASP B 240 -5.95 5.04 -4.65
CA ASP B 240 -5.81 6.16 -5.56
CA ASP B 240 -5.71 6.20 -5.50
C ASP B 240 -4.88 5.87 -6.73
N ALA B 241 -4.21 4.73 -6.71
CA ALA B 241 -3.44 4.27 -7.86
C ALA B 241 -4.29 3.54 -8.90
N ILE B 242 -5.59 3.36 -8.62
CA ILE B 242 -6.51 2.69 -9.53
C ILE B 242 -7.50 3.72 -10.01
N ALA B 243 -7.81 3.70 -11.31
CA ALA B 243 -8.83 4.56 -11.89
C ALA B 243 -9.73 3.72 -12.79
N GLN B 244 -10.85 4.27 -13.23
CA GLN B 244 -11.72 3.60 -14.17
C GLN B 244 -12.32 4.62 -15.12
N VAL B 245 -12.56 4.17 -16.35
CA VAL B 245 -13.07 5.02 -17.43
CA VAL B 245 -13.06 5.02 -17.43
C VAL B 245 -14.14 4.28 -18.20
N ASN B 246 -15.19 4.99 -18.59
CA ASN B 246 -16.27 4.45 -19.39
C ASN B 246 -15.84 4.41 -20.85
N LEU B 247 -15.82 3.21 -21.42
CA LEU B 247 -15.45 3.04 -22.81
C LEU B 247 -16.63 3.13 -23.77
N GLY B 248 -17.85 3.15 -23.26
CA GLY B 248 -19.05 3.24 -24.07
C GLY B 248 -20.07 2.19 -23.67
N VAL B 249 -21.20 2.23 -24.35
CA VAL B 249 -22.30 1.32 -24.02
C VAL B 249 -22.07 0.00 -24.74
N ARG B 250 -22.10 -1.10 -24.00
CA ARG B 250 -21.97 -2.42 -24.60
C ARG B 250 -22.89 -3.40 -23.89
N ALA B 251 -23.56 -4.23 -24.68
CA ALA B 251 -24.42 -5.26 -24.11
C ALA B 251 -23.58 -6.31 -23.41
N HIS B 252 -24.16 -6.94 -22.39
CA HIS B 252 -23.51 -8.08 -21.77
C HIS B 252 -23.34 -9.18 -22.79
N ARG B 253 -22.22 -9.87 -22.74
CA ARG B 253 -22.07 -11.10 -23.49
C ARG B 253 -22.93 -12.18 -22.83
N ASN B 254 -23.21 -13.24 -23.57
CA ASN B 254 -24.01 -14.35 -23.05
C ASN B 254 -23.20 -15.63 -23.16
N ARG B 255 -22.25 -15.79 -22.25
CA ARG B 255 -21.47 -17.02 -22.25
C ARG B 255 -22.28 -18.15 -21.62
N PRO B 256 -22.01 -19.40 -22.01
CA PRO B 256 -22.68 -20.52 -21.35
C PRO B 256 -22.38 -20.55 -19.86
N LEU B 257 -23.37 -21.00 -19.09
CA LEU B 257 -23.21 -21.05 -17.63
C LEU B 257 -21.99 -21.86 -17.23
N THR B 258 -21.64 -22.91 -17.99
CA THR B 258 -20.50 -23.73 -17.57
C THR B 258 -19.19 -22.94 -17.67
N ASP B 259 -19.07 -22.09 -18.68
CA ASP B 259 -17.93 -21.19 -18.80
C ASP B 259 -17.90 -20.19 -17.65
N LEU B 260 -19.07 -19.62 -17.34
CA LEU B 260 -19.13 -18.66 -16.25
C LEU B 260 -18.77 -19.33 -14.93
N ALA B 261 -19.20 -20.57 -14.72
CA ALA B 261 -18.87 -21.25 -13.47
C ALA B 261 -17.38 -21.53 -13.38
N ALA B 262 -16.76 -21.91 -14.50
CA ALA B 262 -15.31 -22.12 -14.50
C ALA B 262 -14.57 -20.82 -14.21
N MET B 263 -15.06 -19.70 -14.76
N MET B 263 -15.03 -19.71 -14.81
CA MET B 263 -14.50 -18.39 -14.46
CA MET B 263 -14.44 -18.40 -14.52
C MET B 263 -14.66 -18.05 -12.99
C MET B 263 -14.56 -18.09 -13.04
N SER B 264 -15.85 -18.29 -12.45
N SER B 264 -15.77 -18.21 -12.52
CA SER B 264 -16.11 -18.01 -11.04
CA SER B 264 -15.99 -17.97 -11.10
C SER B 264 -15.16 -18.80 -10.15
C SER B 264 -15.03 -18.76 -10.23
N ARG B 265 -14.90 -20.05 -10.50
CA ARG B 265 -14.07 -20.90 -9.67
C ARG B 265 -12.63 -20.40 -9.62
N GLN B 266 -12.13 -19.91 -10.76
CA GLN B 266 -10.77 -19.37 -10.80
C GLN B 266 -10.66 -17.98 -10.18
N VAL B 267 -11.69 -17.15 -10.31
CA VAL B 267 -11.71 -15.89 -9.57
C VAL B 267 -11.62 -16.16 -8.06
N ILE B 268 -12.40 -17.13 -7.57
CA ILE B 268 -12.33 -17.53 -6.18
C ILE B 268 -10.92 -17.98 -5.81
N ALA B 269 -10.34 -18.87 -6.62
CA ALA B 269 -9.01 -19.39 -6.31
C ALA B 269 -8.01 -18.24 -6.20
N THR B 270 -8.06 -17.31 -7.15
CA THR B 270 -7.10 -16.21 -7.14
C THR B 270 -7.30 -15.28 -5.95
N LEU B 271 -8.55 -14.92 -5.67
CA LEU B 271 -8.79 -14.09 -4.49
CA LEU B 271 -8.81 -14.10 -4.49
C LEU B 271 -8.35 -14.81 -3.22
N PHE B 272 -8.67 -16.11 -3.11
CA PHE B 272 -8.24 -16.87 -1.95
C PHE B 272 -6.71 -16.89 -1.83
N SER B 273 -6.01 -17.03 -2.95
CA SER B 273 -4.55 -16.99 -2.92
CA SER B 273 -4.55 -16.99 -2.92
C SER B 273 -4.05 -15.66 -2.37
N ARG B 274 -4.66 -14.55 -2.78
CA ARG B 274 -4.24 -13.24 -2.32
C ARG B 274 -4.63 -12.96 -0.88
N CYS B 275 -5.52 -13.75 -0.31
CA CYS B 275 -5.89 -13.61 1.09
C CYS B 275 -5.28 -14.68 2.00
N GLY B 276 -4.61 -15.68 1.44
CA GLY B 276 -4.12 -16.80 2.24
C GLY B 276 -5.19 -17.76 2.70
N VAL B 277 -6.31 -17.84 2.00
CA VAL B 277 -7.35 -18.82 2.32
C VAL B 277 -6.95 -20.14 1.67
N PRO B 278 -6.83 -21.22 2.43
N PRO B 278 -6.94 -21.28 2.40
CA PRO B 278 -6.58 -22.51 1.79
CA PRO B 278 -6.47 -22.55 1.80
C PRO B 278 -7.68 -22.81 0.79
C PRO B 278 -7.41 -23.31 0.85
N ASP B 279 -7.28 -23.02 -0.44
CA ASP B 279 -8.19 -23.46 -1.48
C ASP B 279 -7.77 -24.87 -1.85
N SER B 280 -8.73 -25.77 -1.94
CA SER B 280 -8.45 -27.19 -2.18
C SER B 280 -7.86 -27.45 -3.56
N GLY B 281 -7.97 -26.51 -4.50
CA GLY B 281 -7.61 -26.77 -5.88
C GLY B 281 -8.59 -27.63 -6.64
N VAL B 282 -9.68 -28.07 -6.02
CA VAL B 282 -10.66 -28.93 -6.68
C VAL B 282 -11.52 -28.08 -7.59
N GLY B 283 -11.62 -28.49 -8.85
CA GLY B 283 -12.41 -27.78 -9.82
C GLY B 283 -13.84 -28.25 -9.81
N LEU B 284 -14.59 -27.77 -10.79
CA LEU B 284 -15.99 -28.11 -10.91
C LEU B 284 -16.13 -29.31 -11.83
N THR B 285 -16.93 -30.28 -11.41
CA THR B 285 -17.16 -31.47 -12.22
C THR B 285 -17.81 -31.04 -13.52
N GLN B 286 -17.00 -30.91 -14.57
CA GLN B 286 -17.42 -30.35 -15.86
C GLN B 286 -16.42 -30.75 -16.95
N SER B 299 -13.33 -28.69 -14.13
CA SER B 299 -12.87 -27.37 -14.57
C SER B 299 -11.44 -27.08 -14.11
N GLU B 300 -10.72 -26.27 -14.88
CA GLU B 300 -9.32 -25.95 -14.60
C GLU B 300 -9.21 -24.97 -13.45
N VAL B 301 -8.43 -25.33 -12.42
CA VAL B 301 -8.12 -24.45 -11.29
C VAL B 301 -6.62 -24.52 -11.00
N SER B 302 -5.96 -23.38 -11.01
CA SER B 302 -4.58 -23.32 -10.59
C SER B 302 -4.44 -22.29 -9.48
N LEU B 303 -3.60 -22.61 -8.50
CA LEU B 303 -3.34 -21.72 -7.37
C LEU B 303 -1.95 -21.09 -7.48
N VAL B 304 -1.25 -21.32 -8.58
CA VAL B 304 0.17 -20.98 -8.69
C VAL B 304 0.33 -19.77 -9.61
N ASP B 305 0.89 -18.71 -9.08
CA ASP B 305 1.14 -17.54 -9.90
C ASP B 305 2.42 -17.75 -10.71
N ARG B 306 2.55 -16.99 -11.76
CA ARG B 306 3.85 -16.70 -12.33
C ARG B 306 4.51 -15.58 -11.53
N PRO B 307 5.83 -15.63 -11.37
CA PRO B 307 6.52 -14.64 -10.54
C PRO B 307 6.62 -13.31 -11.25
N PRO B 308 6.91 -12.22 -10.55
CA PRO B 308 7.11 -10.93 -11.22
C PRO B 308 8.09 -11.08 -12.37
N MET B 309 7.75 -10.47 -13.50
CA MET B 309 8.61 -10.58 -14.67
C MET B 309 10.00 -9.99 -14.43
N ASN B 310 10.11 -9.01 -13.52
CA ASN B 310 11.45 -8.49 -13.25
C ASN B 310 12.38 -9.51 -12.64
N THR B 311 11.89 -10.65 -12.16
CA THR B 311 12.79 -11.69 -11.68
C THR B 311 13.45 -12.46 -12.82
N LEU B 312 12.78 -12.59 -13.96
CA LEU B 312 13.30 -13.33 -15.11
C LEU B 312 13.92 -12.43 -16.16
N ARG B 313 13.53 -11.16 -16.17
CA ARG B 313 14.01 -10.17 -17.15
C ARG B 313 14.48 -8.94 -16.37
N GLY B 314 15.45 -9.16 -15.48
CA GLY B 314 15.92 -8.09 -14.62
C GLY B 314 16.56 -6.94 -15.36
N LYS B 315 17.34 -7.24 -16.41
CA LYS B 315 18.00 -6.19 -17.17
C LYS B 315 17.00 -5.38 -17.99
N LEU B 316 16.04 -6.06 -18.63
CA LEU B 316 14.96 -5.35 -19.32
C LEU B 316 14.23 -4.45 -18.34
N ALA B 317 13.85 -5.01 -17.18
CA ALA B 317 13.12 -4.24 -16.19
C ALA B 317 13.90 -3.02 -15.71
N ALA B 318 15.20 -3.20 -15.45
CA ALA B 318 16.00 -2.08 -14.97
C ALA B 318 16.15 -1.02 -16.05
N ALA B 319 16.26 -1.43 -17.31
CA ALA B 319 16.38 -0.49 -18.42
C ALA B 319 15.14 0.39 -18.51
N LEU B 320 14.00 -0.12 -18.09
CA LEU B 320 12.74 0.58 -18.15
C LEU B 320 12.38 1.31 -16.86
N GLU B 321 13.20 1.26 -15.83
CA GLU B 321 12.96 2.04 -14.63
C GLU B 321 13.41 3.47 -14.91
N HIS B 322 12.57 4.44 -14.56
CA HIS B 322 12.90 5.84 -14.85
C HIS B 322 14.00 6.31 -13.92
C1 LMR C . 6.45 -0.10 30.41
O1A LMR C . 6.85 -1.07 31.07
O1B LMR C . 6.69 1.09 30.67
C2 LMR C . 5.55 -0.41 29.21
O2 LMR C . 5.53 0.66 28.28
C3 LMR C . 5.98 -1.71 28.52
C4 LMR C . 5.01 -2.09 27.41
O4A LMR C . 5.23 -1.69 26.26
O4B LMR C . 4.04 -2.80 27.69
C1 MLT D . -19.50 -11.88 -15.86
O1 MLT D . -20.30 -12.83 -15.85
O2 MLT D . -19.53 -10.91 -15.10
C2 MLT D . -18.38 -11.92 -16.90
O3 MLT D . -17.68 -10.69 -16.90
C3 MLT D . -18.92 -12.20 -18.31
C4 MLT D . -17.78 -12.46 -19.29
O4 MLT D . -17.90 -13.40 -20.09
O5 MLT D . -16.77 -11.75 -19.21
#